data_6JMG
#
_entry.id   6JMG
#
_cell.length_a   107.630
_cell.length_b   107.630
_cell.length_c   320.247
_cell.angle_alpha   90.00
_cell.angle_beta   90.00
_cell.angle_gamma   120.00
#
_symmetry.space_group_name_H-M   'P 61 2 2'
#
loop_
_entity.id
_entity.type
_entity.pdbx_description
1 polymer 'DnaJ homolog subfamily C member 27-A'
2 non-polymer "GUANOSINE-5'-TRIPHOSPHATE"
3 non-polymer 'MAGNESIUM ION'
4 water water
#
_entity_poly.entity_id   1
_entity_poly.type   'polypeptide(L)'
_entity_poly.pdbx_seq_one_letter_code
;METNLQKRKDSRKALRIKVISMGNAEVGKSCIIKRYCEKRFVPKYQATIGIDYGVTKVHIKDREIKVNIFDMAGHPFFYE
VRNEFYKDTQGVILVYDVGHKETFESLDGWLAEMKQELGPQGNIDNIVFAVCANKIDSTKHRSVDESEGRLWSESKGFLY
FETSAQSGEGINEMFQAFYSAIVDLCDNGGKRPVSAINIGFTKEQADSIRRIRNCKDSWDMLGVKPGATRDEVNKAYRKL
AVLLHPDKCMAPGSEDAFKAVVNARTALLKNIKLEHHHHHH
;
_entity_poly.pdbx_strand_id   A,B
#
# COMPACT_ATOMS: atom_id res chain seq x y z
N ALA A 14 -19.21 8.04 1.49
CA ALA A 14 -19.10 8.18 2.95
C ALA A 14 -17.80 7.57 3.45
N LEU A 15 -17.11 8.31 4.30
CA LEU A 15 -15.76 7.94 4.70
C LEU A 15 -15.78 7.04 5.93
N ARG A 16 -14.94 6.01 5.91
CA ARG A 16 -14.86 5.07 7.02
C ARG A 16 -13.45 5.11 7.58
N ILE A 17 -13.33 5.51 8.85
CA ILE A 17 -12.02 5.70 9.49
C ILE A 17 -12.03 4.95 10.81
N LYS A 18 -10.82 4.78 11.33
CA LYS A 18 -10.52 4.05 12.56
C LYS A 18 -9.76 4.97 13.52
N VAL A 19 -10.24 5.08 14.75
CA VAL A 19 -9.68 5.96 15.78
C VAL A 19 -9.37 5.11 17.01
N ILE A 20 -8.19 5.28 17.58
CA ILE A 20 -7.88 4.60 18.83
C ILE A 20 -7.48 5.63 19.88
N SER A 21 -7.53 5.20 21.13
CA SER A 21 -7.10 6.01 22.27
C SER A 21 -5.91 5.35 22.97
N MET A 22 -4.95 6.16 23.38
CA MET A 22 -3.79 5.63 24.08
C MET A 22 -3.48 6.55 25.25
N GLY A 23 -2.92 5.96 26.30
CA GLY A 23 -2.50 6.70 27.48
C GLY A 23 -2.77 5.88 28.74
N ASN A 24 -2.13 6.29 29.83
CA ASN A 24 -2.14 5.52 31.07
C ASN A 24 -3.56 5.36 31.62
N ALA A 25 -3.70 4.43 32.57
CA ALA A 25 -4.99 4.21 33.20
C ALA A 25 -5.42 5.44 33.99
N GLU A 26 -6.74 5.65 34.08
CA GLU A 26 -7.40 6.70 34.86
C GLU A 26 -7.18 8.09 34.28
N VAL A 27 -6.59 8.16 33.09
CA VAL A 27 -6.25 9.44 32.50
C VAL A 27 -7.46 10.13 31.87
N GLY A 28 -8.51 9.40 31.50
CA GLY A 28 -9.70 9.98 30.93
C GLY A 28 -10.00 9.64 29.47
N LYS A 29 -9.45 8.54 28.94
CA LYS A 29 -9.65 8.24 27.53
C LYS A 29 -11.11 7.94 27.25
N SER A 30 -11.70 7.03 28.02
CA SER A 30 -13.10 6.72 27.82
C SER A 30 -13.98 7.96 27.99
N CYS A 31 -13.68 8.82 28.99
CA CYS A 31 -14.61 9.90 29.26
C CYS A 31 -14.47 11.04 28.28
N ILE A 32 -13.30 11.25 27.69
CA ILE A 32 -13.21 12.17 26.56
C ILE A 32 -14.11 11.69 25.42
N ILE A 33 -14.06 10.40 25.11
CA ILE A 33 -14.84 9.90 23.98
C ILE A 33 -16.32 9.98 24.28
N LYS A 34 -16.72 9.56 25.49
CA LYS A 34 -18.14 9.53 25.77
C LYS A 34 -18.71 10.94 26.00
N ARG A 35 -17.86 11.92 26.39
CA ARG A 35 -18.31 13.29 26.51
C ARG A 35 -18.73 13.86 25.16
N TYR A 36 -17.92 13.65 24.12
CA TYR A 36 -18.24 14.23 22.83
C TYR A 36 -19.22 13.37 22.03
N CYS A 37 -19.15 12.04 22.13
CA CYS A 37 -19.97 11.23 21.24
C CYS A 37 -21.30 10.85 21.83
N GLU A 38 -21.38 10.73 23.16
CA GLU A 38 -22.60 10.34 23.83
C GLU A 38 -23.15 11.42 24.76
N LYS A 39 -22.53 12.59 24.76
CA LYS A 39 -22.94 13.74 25.55
C LYS A 39 -23.26 13.36 27.00
N ARG A 40 -22.27 12.75 27.65
CA ARG A 40 -22.47 12.32 29.03
C ARG A 40 -21.13 12.25 29.76
N PHE A 41 -21.20 12.33 31.10
CA PHE A 41 -20.00 12.25 31.92
C PHE A 41 -20.37 11.85 33.35
N VAL A 42 -19.68 10.85 33.89
CA VAL A 42 -19.87 10.44 35.27
C VAL A 42 -18.52 10.44 35.99
N PRO A 43 -18.46 10.84 37.27
CA PRO A 43 -17.18 10.79 37.98
C PRO A 43 -16.73 9.38 38.36
N LYS A 44 -17.63 8.40 38.34
CA LYS A 44 -17.30 7.06 38.78
C LYS A 44 -16.45 6.35 37.73
N TYR A 45 -15.30 5.82 38.17
CA TYR A 45 -14.31 5.21 37.29
C TYR A 45 -14.72 3.78 36.92
N GLN A 46 -14.81 3.49 35.62
CA GLN A 46 -14.94 2.12 35.14
C GLN A 46 -13.78 1.82 34.16
N ALA A 47 -12.75 1.14 34.66
CA ALA A 47 -11.58 0.85 33.82
C ALA A 47 -11.99 0.06 32.59
N THR A 48 -11.54 0.51 31.43
CA THR A 48 -11.74 -0.26 30.21
C THR A 48 -11.05 -1.59 30.34
N ILE A 49 -11.73 -2.66 29.95
CA ILE A 49 -11.19 -4.00 30.08
C ILE A 49 -10.65 -4.38 28.71
N GLY A 50 -9.35 -4.21 28.55
CA GLY A 50 -8.73 -4.49 27.28
C GLY A 50 -9.06 -3.40 26.28
N ILE A 51 -10.29 -3.43 25.77
CA ILE A 51 -10.61 -2.61 24.60
C ILE A 51 -12.12 -2.50 24.48
N ASP A 52 -12.62 -1.29 24.19
CA ASP A 52 -14.03 -1.05 23.95
C ASP A 52 -14.19 -0.54 22.53
N TYR A 53 -15.05 -1.21 21.78
CA TYR A 53 -15.26 -0.89 20.38
C TYR A 53 -16.62 -0.25 20.21
N GLY A 54 -16.67 0.79 19.39
CA GLY A 54 -17.93 1.44 19.10
C GLY A 54 -17.83 2.16 17.78
N VAL A 55 -18.98 2.47 17.24
CA VAL A 55 -19.08 3.25 16.01
C VAL A 55 -19.86 4.51 16.32
N THR A 56 -19.34 5.63 15.84
CA THR A 56 -20.05 6.89 15.90
C THR A 56 -20.07 7.48 14.49
N LYS A 57 -20.93 8.48 14.30
CA LYS A 57 -21.04 9.16 13.02
C LYS A 57 -20.84 10.66 13.25
N VAL A 58 -20.06 11.29 12.35
CA VAL A 58 -19.80 12.72 12.43
C VAL A 58 -19.87 13.31 11.01
N HIS A 59 -20.20 14.60 10.94
CA HIS A 59 -20.24 15.37 9.70
C HIS A 59 -19.25 16.54 9.79
N ILE A 60 -18.09 16.41 9.13
CA ILE A 60 -17.05 17.42 9.18
C ILE A 60 -16.69 17.76 7.74
N LYS A 61 -16.34 19.03 7.51
CA LYS A 61 -16.34 19.64 6.18
C LYS A 61 -17.81 19.54 5.76
N ASP A 62 -18.12 18.93 4.62
CA ASP A 62 -19.41 18.25 4.50
C ASP A 62 -19.19 16.87 3.93
N ARG A 63 -18.19 16.20 4.51
CA ARG A 63 -18.01 14.78 4.34
C ARG A 63 -18.67 14.07 5.50
N GLU A 64 -19.37 12.98 5.22
CA GLU A 64 -19.96 12.15 6.25
C GLU A 64 -18.95 11.07 6.63
N ILE A 65 -18.63 10.98 7.93
CA ILE A 65 -17.57 10.11 8.42
C ILE A 65 -18.17 9.07 9.36
N LYS A 66 -17.90 7.80 9.06
CA LYS A 66 -18.24 6.71 9.98
C LYS A 66 -16.96 6.35 10.72
N VAL A 67 -16.98 6.48 12.04
CA VAL A 67 -15.77 6.41 12.87
C VAL A 67 -15.81 5.14 13.69
N ASN A 68 -14.86 4.25 13.45
CA ASN A 68 -14.66 3.08 14.27
C ASN A 68 -13.70 3.44 15.41
N ILE A 69 -14.19 3.39 16.63
CA ILE A 69 -13.41 3.77 17.79
C ILE A 69 -13.02 2.50 18.54
N PHE A 70 -11.72 2.35 18.80
CA PHE A 70 -11.16 1.29 19.63
C PHE A 70 -10.56 2.00 20.83
N ASP A 71 -11.38 2.15 21.87
CA ASP A 71 -10.97 2.81 23.09
C ASP A 71 -10.15 1.79 23.88
N MET A 72 -8.84 2.06 24.04
CA MET A 72 -7.94 1.06 24.61
C MET A 72 -7.81 1.24 26.12
N ALA A 73 -7.55 0.12 26.79
CA ALA A 73 -7.30 0.13 28.22
C ALA A 73 -5.85 0.51 28.48
N GLY A 74 -5.63 1.36 29.46
CA GLY A 74 -4.30 1.93 29.65
C GLY A 74 -3.39 1.13 30.57
N HIS A 75 -3.98 0.29 31.40
CA HIS A 75 -3.19 -0.53 32.30
C HIS A 75 -2.25 -1.44 31.51
N PRO A 76 -0.99 -1.58 31.94
CA PRO A 76 -0.04 -2.42 31.19
C PRO A 76 -0.43 -3.89 31.11
N PHE A 77 -1.23 -4.38 32.06
CA PHE A 77 -1.69 -5.77 31.99
C PHE A 77 -2.31 -6.09 30.63
N PHE A 78 -2.91 -5.08 29.98
CA PHE A 78 -3.62 -5.27 28.72
C PHE A 78 -2.74 -5.01 27.51
N TYR A 79 -1.41 -5.03 27.70
CA TYR A 79 -0.50 -4.86 26.57
C TYR A 79 -0.82 -5.81 25.43
N GLU A 80 -0.96 -7.11 25.75
CA GLU A 80 -1.14 -8.12 24.71
C GLU A 80 -2.51 -8.00 24.06
N VAL A 81 -3.51 -7.52 24.81
CA VAL A 81 -4.84 -7.31 24.23
C VAL A 81 -4.81 -6.15 23.24
N ARG A 82 -4.07 -5.08 23.56
CA ARG A 82 -4.08 -3.89 22.72
C ARG A 82 -3.32 -4.08 21.42
N ASN A 83 -2.29 -4.95 21.40
CA ASN A 83 -1.38 -5.00 20.26
C ASN A 83 -2.09 -5.24 18.93
N GLU A 84 -3.21 -5.98 18.93
CA GLU A 84 -3.89 -6.24 17.68
C GLU A 84 -4.49 -5.01 17.02
N PHE A 85 -4.67 -3.91 17.76
CA PHE A 85 -5.53 -2.86 17.22
C PHE A 85 -4.79 -1.61 16.77
N TYR A 86 -3.46 -1.64 16.69
CA TYR A 86 -2.76 -0.46 16.22
C TYR A 86 -2.76 -0.35 14.70
N LYS A 87 -2.84 -1.46 13.98
CA LYS A 87 -2.70 -1.40 12.53
C LYS A 87 -3.87 -0.68 11.86
N ASP A 88 -3.58 -0.06 10.73
CA ASP A 88 -4.57 0.61 9.89
C ASP A 88 -5.33 1.69 10.67
N THR A 89 -4.58 2.50 11.39
CA THR A 89 -5.16 3.58 12.19
C THR A 89 -5.02 4.91 11.49
N GLN A 90 -6.11 5.69 11.48
CA GLN A 90 -6.09 7.03 10.89
C GLN A 90 -5.96 8.15 11.90
N GLY A 91 -6.50 7.97 13.11
CA GLY A 91 -6.40 8.98 14.14
C GLY A 91 -6.13 8.33 15.50
N VAL A 92 -5.39 9.05 16.33
CA VAL A 92 -5.04 8.63 17.69
C VAL A 92 -5.38 9.73 18.67
N ILE A 93 -6.10 9.38 19.74
CA ILE A 93 -6.37 10.27 20.85
C ILE A 93 -5.40 9.88 21.96
N LEU A 94 -4.36 10.69 22.14
CA LEU A 94 -3.30 10.42 23.10
C LEU A 94 -3.46 11.33 24.31
N VAL A 95 -3.71 10.73 25.47
CA VAL A 95 -4.23 11.48 26.62
C VAL A 95 -3.29 11.31 27.80
N TYR A 96 -3.10 12.40 28.55
CA TYR A 96 -2.51 12.34 29.88
C TYR A 96 -3.25 13.28 30.82
N ASP A 97 -2.87 13.21 32.10
CA ASP A 97 -3.47 13.97 33.18
C ASP A 97 -2.46 15.01 33.65
N VAL A 98 -2.81 16.29 33.51
CA VAL A 98 -1.90 17.36 33.91
C VAL A 98 -1.58 17.31 35.39
N GLY A 99 -2.38 16.58 36.16
CA GLY A 99 -2.18 16.46 37.58
C GLY A 99 -1.22 15.38 38.05
N HIS A 100 -0.70 14.57 37.12
CA HIS A 100 0.11 13.39 37.47
C HIS A 100 1.19 13.26 36.41
N LYS A 101 2.41 13.69 36.73
CA LYS A 101 3.36 13.87 35.65
C LYS A 101 3.88 12.53 35.10
N GLU A 102 3.81 11.45 35.88
CA GLU A 102 4.18 10.14 35.35
C GLU A 102 3.36 9.73 34.13
N THR A 103 2.14 10.26 33.98
CA THR A 103 1.36 9.92 32.78
C THR A 103 1.85 10.70 31.56
N PHE A 104 2.37 11.91 31.77
CA PHE A 104 2.94 12.65 30.66
C PHE A 104 4.27 12.04 30.24
N GLU A 105 5.11 11.68 31.20
CA GLU A 105 6.39 11.08 30.86
C GLU A 105 6.21 9.76 30.14
N SER A 106 5.14 9.03 30.43
CA SER A 106 4.96 7.73 29.82
C SER A 106 4.59 7.82 28.34
N LEU A 107 4.39 9.03 27.81
CA LEU A 107 3.87 9.11 26.45
C LEU A 107 4.89 8.67 25.41
N ASP A 108 6.18 8.84 25.68
CA ASP A 108 7.20 8.31 24.77
C ASP A 108 7.10 6.80 24.67
N GLY A 109 6.83 6.14 25.80
CA GLY A 109 6.63 4.69 25.79
C GLY A 109 5.42 4.27 24.98
N TRP A 110 4.34 5.05 25.05
CA TRP A 110 3.16 4.73 24.23
C TRP A 110 3.49 4.81 22.75
N LEU A 111 4.22 5.85 22.33
CA LEU A 111 4.61 5.93 20.93
C LEU A 111 5.48 4.74 20.55
N ALA A 112 6.40 4.35 21.44
CA ALA A 112 7.26 3.21 21.16
C ALA A 112 6.43 1.94 20.99
N GLU A 113 5.44 1.74 21.85
CA GLU A 113 4.65 0.53 21.80
C GLU A 113 3.83 0.47 20.51
N MET A 114 3.23 1.58 20.12
CA MET A 114 2.55 1.62 18.84
C MET A 114 3.53 1.41 17.69
N LYS A 115 4.68 2.11 17.73
CA LYS A 115 5.62 2.03 16.61
C LYS A 115 6.11 0.61 16.37
N GLN A 116 6.26 -0.22 17.41
CA GLN A 116 6.68 -1.57 17.07
C GLN A 116 5.56 -2.46 16.55
N GLU A 117 4.31 -2.20 16.92
CA GLU A 117 3.26 -3.05 16.39
C GLU A 117 2.97 -2.76 14.93
N LEU A 118 3.57 -1.72 14.37
CA LEU A 118 3.43 -1.39 12.96
C LEU A 118 4.60 -1.85 12.11
N GLY A 119 5.66 -2.40 12.73
CA GLY A 119 6.81 -2.87 12.02
C GLY A 119 7.67 -1.74 11.47
N PRO A 120 8.74 -2.09 10.74
CA PRO A 120 9.62 -1.04 10.19
C PRO A 120 9.01 -0.28 9.03
N GLN A 121 8.07 -0.88 8.29
CA GLN A 121 7.27 -0.15 7.31
C GLN A 121 6.64 1.10 7.92
N GLY A 122 6.13 0.98 9.14
CA GLY A 122 5.22 1.94 9.73
C GLY A 122 5.70 3.37 9.84
N ASN A 123 4.84 4.28 9.38
CA ASN A 123 5.10 5.72 9.38
C ASN A 123 3.96 6.38 10.14
N ILE A 124 4.18 6.71 11.40
CA ILE A 124 3.11 7.31 12.19
C ILE A 124 2.91 8.73 11.69
N ASP A 125 3.66 9.10 10.65
CA ASP A 125 3.51 10.45 10.10
C ASP A 125 2.28 10.57 9.23
N ASN A 126 1.70 9.45 8.79
CA ASN A 126 0.44 9.48 8.08
C ASN A 126 -0.74 9.23 9.02
N ILE A 127 -0.53 9.41 10.31
CA ILE A 127 -1.56 9.26 11.32
C ILE A 127 -1.73 10.60 12.03
N VAL A 128 -2.97 11.00 12.22
CA VAL A 128 -3.29 12.21 12.97
C VAL A 128 -3.34 11.88 14.46
N PHE A 129 -2.60 12.65 15.25
CA PHE A 129 -2.57 12.53 16.70
C PHE A 129 -3.18 13.77 17.32
N ALA A 130 -4.11 13.58 18.24
CA ALA A 130 -4.56 14.66 19.11
C ALA A 130 -4.06 14.31 20.50
N VAL A 131 -3.13 15.11 21.00
CA VAL A 131 -2.67 15.00 22.38
C VAL A 131 -3.62 15.78 23.27
N CYS A 132 -4.18 15.11 24.25
CA CYS A 132 -5.10 15.75 25.18
C CYS A 132 -4.47 15.82 26.57
N ALA A 133 -4.17 17.03 26.99
CA ALA A 133 -3.74 17.32 28.35
C ALA A 133 -5.02 17.49 29.15
N ASN A 134 -5.44 16.42 29.81
CA ASN A 134 -6.79 16.32 30.33
C ASN A 134 -6.86 16.66 31.80
N LYS A 135 -8.10 16.96 32.24
CA LYS A 135 -8.44 17.23 33.64
C LYS A 135 -7.92 18.60 34.11
N ILE A 136 -7.89 19.57 33.19
CA ILE A 136 -7.51 20.93 33.54
C ILE A 136 -8.47 21.56 34.55
N ASP A 137 -9.66 20.99 34.71
CA ASP A 137 -10.65 21.49 35.67
C ASP A 137 -10.29 21.18 37.11
N SER A 138 -9.38 20.25 37.37
CA SER A 138 -9.20 19.81 38.74
C SER A 138 -8.46 20.86 39.56
N THR A 139 -8.92 21.05 40.80
CA THR A 139 -8.25 21.95 41.74
C THR A 139 -6.84 21.48 42.06
N LYS A 140 -6.60 20.16 41.99
CA LYS A 140 -5.33 19.58 42.40
C LYS A 140 -4.15 20.20 41.67
N HIS A 141 -3.03 20.27 42.39
CA HIS A 141 -1.73 20.74 41.91
C HIS A 141 -1.46 20.28 40.49
N ARG A 142 -1.24 21.23 39.59
CA ARG A 142 -0.96 20.88 38.19
C ARG A 142 0.53 20.66 38.00
N SER A 143 0.91 19.50 37.45
CA SER A 143 2.30 19.09 37.39
C SER A 143 2.91 19.15 35.99
N VAL A 144 2.11 19.34 34.95
CA VAL A 144 2.57 19.49 33.59
C VAL A 144 1.99 20.78 33.06
N ASP A 145 2.84 21.66 32.56
CA ASP A 145 2.37 22.96 32.08
C ASP A 145 2.17 22.94 30.58
N GLU A 146 1.44 23.94 30.10
CA GLU A 146 1.05 23.95 28.70
C GLU A 146 2.27 23.97 27.77
N SER A 147 3.30 24.76 28.11
CA SER A 147 4.53 24.79 27.32
C SER A 147 5.06 23.39 27.06
N GLU A 148 5.26 22.61 28.13
CA GLU A 148 5.93 21.32 28.01
C GLU A 148 5.14 20.34 27.14
N GLY A 149 3.83 20.24 27.37
CA GLY A 149 3.01 19.34 26.57
C GLY A 149 2.85 19.83 25.15
N ARG A 150 2.63 21.14 24.97
CA ARG A 150 2.52 21.64 23.62
C ARG A 150 3.81 21.42 22.85
N LEU A 151 4.95 21.56 23.53
CA LEU A 151 6.22 21.39 22.84
C LEU A 151 6.46 19.93 22.49
N TRP A 152 6.13 19.02 23.40
CA TRP A 152 6.31 17.61 23.10
C TRP A 152 5.41 17.19 21.95
N SER A 153 4.18 17.69 21.97
CA SER A 153 3.20 17.34 20.94
C SER A 153 3.53 18.03 19.61
N GLU A 154 3.62 19.36 19.62
CA GLU A 154 3.73 20.08 18.35
C GLU A 154 5.05 19.78 17.65
N SER A 155 6.12 19.52 18.41
CA SER A 155 7.39 19.16 17.80
C SER A 155 7.31 17.83 17.03
N LYS A 156 6.28 17.02 17.28
CA LYS A 156 6.17 15.74 16.58
C LYS A 156 5.14 15.80 15.47
N GLY A 157 4.59 16.98 15.19
CA GLY A 157 3.50 17.06 14.23
C GLY A 157 2.13 16.74 14.79
N PHE A 158 1.99 16.66 16.10
CA PHE A 158 0.72 16.33 16.73
C PHE A 158 -0.10 17.60 17.01
N LEU A 159 -1.40 17.44 17.12
CA LEU A 159 -2.25 18.49 17.66
C LEU A 159 -2.20 18.44 19.18
N TYR A 160 -2.38 19.59 19.81
CA TYR A 160 -2.33 19.69 21.27
C TYR A 160 -3.55 20.43 21.77
N PHE A 161 -4.18 19.89 22.80
CA PHE A 161 -5.36 20.53 23.35
C PHE A 161 -5.40 20.30 24.84
N GLU A 162 -5.81 21.35 25.53
CA GLU A 162 -6.16 21.27 26.93
C GLU A 162 -7.65 20.95 27.00
N THR A 163 -8.00 19.94 27.79
CA THR A 163 -9.35 19.42 27.78
C THR A 163 -9.77 19.08 29.19
N SER A 164 -11.09 19.02 29.35
CA SER A 164 -11.71 18.46 30.53
C SER A 164 -12.96 17.73 30.08
N ALA A 165 -12.99 16.42 30.32
CA ALA A 165 -14.22 15.70 30.04
C ALA A 165 -15.30 16.06 31.04
N GLN A 166 -14.91 16.54 32.23
CA GLN A 166 -15.88 16.90 33.25
C GLN A 166 -16.58 18.20 32.91
N SER A 167 -15.83 19.22 32.53
CA SER A 167 -16.37 20.53 32.21
C SER A 167 -16.80 20.66 30.74
N GLY A 168 -16.23 19.84 29.86
CA GLY A 168 -16.42 20.01 28.43
C GLY A 168 -15.39 20.91 27.76
N GLU A 169 -14.61 21.68 28.52
CA GLU A 169 -13.65 22.61 27.93
C GLU A 169 -12.70 21.87 27.00
N GLY A 170 -12.48 22.44 25.81
CA GLY A 170 -11.56 21.89 24.84
C GLY A 170 -12.04 20.67 24.08
N ILE A 171 -13.14 20.05 24.50
CA ILE A 171 -13.52 18.76 23.95
C ILE A 171 -13.97 18.91 22.50
N ASN A 172 -14.92 19.82 22.28
CA ASN A 172 -15.46 20.03 20.94
C ASN A 172 -14.40 20.58 20.00
N GLU A 173 -13.51 21.43 20.51
CA GLU A 173 -12.49 22.02 19.66
C GLU A 173 -11.47 20.97 19.25
N MET A 174 -11.08 20.10 20.18
CA MET A 174 -10.16 19.00 19.88
C MET A 174 -10.76 18.09 18.81
N PHE A 175 -11.99 17.63 19.01
CA PHE A 175 -12.59 16.72 18.05
C PHE A 175 -12.80 17.39 16.70
N GLN A 176 -13.08 18.70 16.68
CA GLN A 176 -13.25 19.35 15.38
C GLN A 176 -11.91 19.45 14.66
N ALA A 177 -10.84 19.77 15.39
CA ALA A 177 -9.53 19.82 14.76
C ALA A 177 -9.07 18.43 14.35
N PHE A 178 -9.37 17.44 15.20
CA PHE A 178 -8.98 16.05 14.97
C PHE A 178 -9.56 15.53 13.66
N TYR A 179 -10.88 15.65 13.50
CA TYR A 179 -11.53 15.08 12.33
C TYR A 179 -11.24 15.89 11.08
N SER A 180 -10.98 17.19 11.21
CA SER A 180 -10.61 17.94 10.02
C SER A 180 -9.24 17.54 9.53
N ALA A 181 -8.28 17.35 10.42
CA ALA A 181 -6.98 16.85 9.99
C ALA A 181 -7.12 15.47 9.35
N ILE A 182 -8.03 14.63 9.88
CA ILE A 182 -8.19 13.29 9.33
C ILE A 182 -8.87 13.35 7.97
N VAL A 183 -9.86 14.23 7.80
CA VAL A 183 -10.44 14.43 6.47
C VAL A 183 -9.38 14.93 5.50
N ASP A 184 -8.54 15.89 5.93
CA ASP A 184 -7.46 16.36 5.08
C ASP A 184 -6.50 15.23 4.74
N LEU A 185 -6.24 14.34 5.69
CA LEU A 185 -5.39 13.20 5.42
C LEU A 185 -6.04 12.24 4.43
N CYS A 186 -7.36 12.07 4.51
CA CYS A 186 -8.04 11.15 3.62
C CYS A 186 -8.14 11.71 2.21
N ASP A 187 -8.39 13.01 2.08
CA ASP A 187 -8.44 13.62 0.76
C ASP A 187 -7.09 13.55 0.05
N ASN A 188 -6.01 13.29 0.80
CA ASN A 188 -4.67 13.13 0.25
C ASN A 188 -4.25 11.66 0.21
N GLY A 189 -5.21 10.76 0.01
CA GLY A 189 -4.91 9.35 -0.13
C GLY A 189 -4.42 8.66 1.12
N GLY A 190 -4.63 9.25 2.29
CA GLY A 190 -4.10 8.65 3.48
C GLY A 190 -2.62 8.91 3.66
N LYS A 191 -2.07 9.91 2.95
CA LYS A 191 -0.71 10.39 3.13
C LYS A 191 -0.77 11.77 3.78
N ARG A 192 0.21 12.07 4.63
CA ARG A 192 0.14 13.30 5.41
C ARG A 192 0.07 14.51 4.47
N PRO A 193 -0.93 15.35 4.61
CA PRO A 193 -1.04 16.51 3.71
C PRO A 193 0.17 17.41 3.90
N VAL A 194 0.67 17.95 2.79
CA VAL A 194 1.76 18.90 2.86
C VAL A 194 1.14 20.24 3.25
N SER A 195 1.67 20.86 4.30
CA SER A 195 1.07 22.06 4.84
C SER A 195 1.76 23.29 4.27
N ALA A 196 0.96 24.29 3.89
CA ALA A 196 1.47 25.61 3.53
C ALA A 196 2.05 26.37 4.72
N ILE A 197 1.62 26.05 5.95
CA ILE A 197 2.11 26.74 7.14
C ILE A 197 3.59 26.50 7.44
N ASN A 198 4.24 25.51 6.79
CA ASN A 198 5.71 25.55 6.66
C ASN A 198 6.16 24.77 5.41
N ILE A 199 5.94 25.37 4.24
CA ILE A 199 6.58 24.93 3.01
C ILE A 199 8.07 25.29 3.02
N GLY A 200 8.56 25.78 4.16
CA GLY A 200 9.97 25.92 4.37
C GLY A 200 10.61 24.54 4.50
N PHE A 201 11.85 24.56 4.97
CA PHE A 201 12.62 23.33 4.96
C PHE A 201 13.72 23.45 5.99
N THR A 202 14.07 22.32 6.57
CA THR A 202 15.20 22.21 7.49
C THR A 202 16.48 22.81 6.90
N LYS A 203 17.36 23.22 7.81
CA LYS A 203 18.74 23.53 7.46
C LYS A 203 19.54 22.29 7.06
N GLU A 204 19.41 21.19 7.81
CA GLU A 204 20.16 19.99 7.44
C GLU A 204 19.68 19.46 6.10
N GLN A 205 18.40 19.69 5.78
CA GLN A 205 17.90 19.40 4.44
C GLN A 205 18.67 20.20 3.40
N ALA A 206 18.82 21.50 3.63
CA ALA A 206 19.51 22.35 2.66
C ALA A 206 21.00 22.00 2.56
N ASP A 207 21.62 21.65 3.67
CA ASP A 207 23.02 21.25 3.61
C ASP A 207 23.16 19.94 2.85
N SER A 208 22.23 19.01 3.05
CA SER A 208 22.41 17.70 2.43
C SER A 208 22.23 17.79 0.93
N ILE A 209 21.28 18.62 0.48
CA ILE A 209 21.09 18.83 -0.95
C ILE A 209 22.33 19.45 -1.58
N ARG A 210 22.93 20.42 -0.92
CA ARG A 210 24.08 21.06 -1.55
C ARG A 210 25.27 20.12 -1.52
N ARG A 211 25.44 19.38 -0.42
CA ARG A 211 26.54 18.43 -0.35
C ARG A 211 26.40 17.34 -1.40
N ILE A 212 25.15 16.95 -1.73
CA ILE A 212 24.91 15.95 -2.75
C ILE A 212 25.11 16.50 -4.18
N ARG A 213 24.98 17.82 -4.41
CA ARG A 213 25.30 18.34 -5.75
C ARG A 213 26.77 18.21 -6.03
N ASN A 214 27.60 18.56 -5.06
CA ASN A 214 29.03 18.77 -5.25
C ASN A 214 29.78 17.57 -4.72
N CYS A 215 29.22 16.42 -5.05
CA CYS A 215 29.73 15.13 -4.65
C CYS A 215 29.78 14.28 -5.90
N LYS A 216 30.93 13.68 -6.16
CA LYS A 216 31.13 12.96 -7.41
C LYS A 216 31.39 11.47 -7.19
N ASP A 217 31.06 10.99 -5.99
CA ASP A 217 31.33 9.62 -5.58
C ASP A 217 30.12 9.09 -4.82
N SER A 218 29.69 7.86 -5.12
CA SER A 218 28.45 7.41 -4.49
C SER A 218 28.67 6.90 -3.08
N TRP A 219 29.90 6.55 -2.72
CA TRP A 219 30.18 6.22 -1.33
C TRP A 219 29.99 7.45 -0.47
N ASP A 220 30.61 8.56 -0.87
CA ASP A 220 30.51 9.76 -0.05
C ASP A 220 29.12 10.38 -0.12
N MET A 221 28.37 10.10 -1.19
CA MET A 221 27.03 10.66 -1.32
C MET A 221 26.10 10.15 -0.22
N LEU A 222 26.23 8.88 0.17
CA LEU A 222 25.44 8.34 1.27
C LEU A 222 26.17 8.34 2.61
N GLY A 223 27.43 8.77 2.63
CA GLY A 223 28.17 8.84 3.88
C GLY A 223 28.66 7.50 4.39
N VAL A 224 29.39 6.77 3.54
CA VAL A 224 29.84 5.41 3.83
C VAL A 224 31.14 5.20 3.09
N LYS A 225 31.99 4.35 3.63
CA LYS A 225 33.25 4.16 2.94
C LYS A 225 33.25 2.82 2.21
N PRO A 226 34.10 2.67 1.19
CA PRO A 226 34.09 1.40 0.44
C PRO A 226 34.28 0.22 1.38
N GLY A 227 33.56 -0.86 1.08
CA GLY A 227 33.57 -2.02 1.92
C GLY A 227 32.46 -2.04 2.95
N ALA A 228 31.33 -1.42 2.66
CA ALA A 228 30.21 -1.31 3.59
C ALA A 228 29.24 -2.44 3.29
N THR A 229 28.71 -3.08 4.34
CA THR A 229 27.59 -3.99 4.20
C THR A 229 26.50 -3.40 3.30
N ARG A 230 25.81 -4.29 2.57
CA ARG A 230 24.49 -3.96 2.05
C ARG A 230 23.59 -3.37 3.12
N ASP A 231 23.68 -3.88 4.34
CA ASP A 231 22.78 -3.36 5.37
C ASP A 231 23.16 -1.94 5.77
N GLU A 232 24.44 -1.59 5.66
CA GLU A 232 24.82 -0.23 5.98
C GLU A 232 24.43 0.75 4.88
N VAL A 233 24.57 0.36 3.60
CA VAL A 233 24.15 1.32 2.58
C VAL A 233 22.63 1.43 2.58
N ASN A 234 21.94 0.34 2.93
CA ASN A 234 20.49 0.45 3.11
C ASN A 234 20.16 1.46 4.19
N LYS A 235 20.87 1.42 5.32
CA LYS A 235 20.45 2.27 6.42
C LYS A 235 20.92 3.70 6.24
N ALA A 236 22.04 3.90 5.55
CA ALA A 236 22.39 5.25 5.12
C ALA A 236 21.34 5.78 4.16
N TYR A 237 20.89 4.95 3.20
CA TYR A 237 19.96 5.43 2.20
C TYR A 237 18.65 5.87 2.84
N ARG A 238 18.12 5.09 3.79
CA ARG A 238 16.78 5.43 4.26
C ARG A 238 16.77 6.72 5.07
N LYS A 239 17.90 7.11 5.67
CA LYS A 239 17.83 8.35 6.42
C LYS A 239 17.88 9.55 5.51
N LEU A 240 18.55 9.41 4.37
CA LEU A 240 18.50 10.44 3.34
C LEU A 240 17.16 10.45 2.62
N ALA A 241 16.57 9.27 2.37
CA ALA A 241 15.27 9.23 1.72
C ALA A 241 14.20 9.94 2.53
N VAL A 242 14.15 9.70 3.85
CA VAL A 242 13.15 10.42 4.64
C VAL A 242 13.48 11.90 4.69
N LEU A 243 14.75 12.25 4.60
CA LEU A 243 15.15 13.65 4.69
C LEU A 243 14.80 14.41 3.41
N LEU A 244 14.98 13.77 2.25
CA LEU A 244 15.02 14.48 0.99
C LEU A 244 13.87 14.18 0.04
N HIS A 245 12.97 13.28 0.39
CA HIS A 245 11.94 12.90 -0.58
C HIS A 245 11.16 14.17 -0.97
N PRO A 246 10.94 14.38 -2.27
CA PRO A 246 10.28 15.66 -2.69
C PRO A 246 8.86 15.83 -2.17
N ASP A 247 8.20 14.75 -1.72
CA ASP A 247 6.90 14.88 -1.07
C ASP A 247 7.04 15.55 0.29
N LYS A 248 8.04 15.14 1.07
CA LYS A 248 8.29 15.62 2.42
C LYS A 248 9.11 16.89 2.46
N CYS A 249 9.98 17.11 1.47
CA CYS A 249 10.93 18.21 1.49
C CYS A 249 10.61 19.19 0.38
N MET A 250 10.36 20.43 0.76
CA MET A 250 9.94 21.45 -0.19
C MET A 250 11.09 22.28 -0.71
N ALA A 251 12.32 21.95 -0.33
CA ALA A 251 13.49 22.73 -0.74
C ALA A 251 13.76 22.54 -2.22
N PRO A 252 14.21 23.58 -2.91
CA PRO A 252 14.49 23.45 -4.35
C PRO A 252 15.65 22.50 -4.59
N GLY A 253 15.47 21.65 -5.61
CA GLY A 253 16.47 20.66 -5.94
C GLY A 253 16.42 19.37 -5.15
N SER A 254 15.47 19.23 -4.22
CA SER A 254 15.38 17.99 -3.45
C SER A 254 15.02 16.79 -4.33
N GLU A 255 14.24 16.99 -5.38
CA GLU A 255 13.97 15.89 -6.29
C GLU A 255 15.26 15.36 -6.93
N ASP A 256 16.17 16.26 -7.34
CA ASP A 256 17.40 15.78 -7.96
C ASP A 256 18.30 15.14 -6.92
N ALA A 257 18.31 15.70 -5.71
CA ALA A 257 19.08 15.10 -4.63
C ALA A 257 18.54 13.72 -4.29
N PHE A 258 17.21 13.59 -4.20
CA PHE A 258 16.63 12.27 -3.96
C PHE A 258 17.00 11.29 -5.07
N LYS A 259 16.80 11.68 -6.33
CA LYS A 259 17.20 10.83 -7.44
C LYS A 259 18.66 10.44 -7.35
N ALA A 260 19.53 11.36 -6.91
CA ALA A 260 20.95 11.05 -6.85
C ALA A 260 21.22 10.02 -5.76
N VAL A 261 20.54 10.17 -4.63
CA VAL A 261 20.68 9.22 -3.53
C VAL A 261 20.17 7.84 -3.96
N VAL A 262 19.02 7.80 -4.63
CA VAL A 262 18.51 6.54 -5.15
C VAL A 262 19.55 5.87 -6.05
N ASN A 263 20.13 6.64 -6.97
CA ASN A 263 21.03 6.03 -7.94
C ASN A 263 22.33 5.62 -7.31
N ALA A 264 22.79 6.37 -6.30
CA ALA A 264 24.00 5.99 -5.59
C ALA A 264 23.81 4.66 -4.89
N ARG A 265 22.69 4.51 -4.17
CA ARG A 265 22.43 3.26 -3.49
C ARG A 265 22.53 2.08 -4.44
N THR A 266 21.97 2.20 -5.64
CA THR A 266 22.01 1.03 -6.51
C THR A 266 23.40 0.85 -7.11
N ALA A 267 24.16 1.93 -7.24
CA ALA A 267 25.54 1.77 -7.70
C ALA A 267 26.33 0.94 -6.71
N LEU A 268 26.21 1.26 -5.42
CA LEU A 268 26.92 0.49 -4.41
C LEU A 268 26.39 -0.94 -4.30
N LEU A 269 25.06 -1.11 -4.19
CA LEU A 269 24.48 -2.45 -4.12
C LEU A 269 24.82 -3.30 -5.32
N LYS A 270 25.03 -2.69 -6.48
CA LYS A 270 25.38 -3.49 -7.64
C LYS A 270 26.79 -4.01 -7.53
N ASN A 271 27.72 -3.19 -7.04
CA ASN A 271 29.12 -3.61 -7.02
C ASN A 271 29.40 -4.52 -5.84
N ILE A 272 28.71 -4.29 -4.72
CA ILE A 272 28.80 -5.19 -3.56
C ILE A 272 28.44 -6.60 -3.95
N LYS A 273 27.28 -6.78 -4.57
CA LYS A 273 26.86 -8.13 -4.90
C LYS A 273 27.71 -8.71 -6.04
N LEU A 274 28.27 -7.85 -6.88
CA LEU A 274 29.12 -8.35 -7.97
C LEU A 274 30.51 -8.70 -7.47
N GLU A 275 31.02 -8.02 -6.43
CA GLU A 275 32.29 -8.44 -5.86
C GLU A 275 32.12 -9.67 -4.99
N HIS A 276 30.92 -9.89 -4.44
CA HIS A 276 30.65 -11.10 -3.70
C HIS A 276 30.48 -12.30 -4.64
N HIS A 277 30.20 -12.05 -5.91
CA HIS A 277 30.00 -13.16 -6.85
C HIS A 277 31.27 -13.56 -7.57
N HIS A 278 32.24 -12.65 -7.72
CA HIS A 278 33.48 -13.01 -8.41
C HIS A 278 34.57 -13.42 -7.43
N HIS A 279 34.50 -12.91 -6.20
CA HIS A 279 35.37 -13.39 -5.13
C HIS A 279 34.73 -14.59 -4.44
N HIS A 280 33.95 -14.34 -3.39
CA HIS A 280 33.38 -15.41 -2.56
C HIS A 280 31.86 -15.52 -2.65
N ALA B 14 -3.05 19.51 -4.65
CA ALA B 14 -2.40 18.64 -5.65
C ALA B 14 -2.00 17.30 -5.05
N LEU B 15 -2.35 16.25 -5.77
CA LEU B 15 -2.20 14.89 -5.26
C LEU B 15 -0.81 14.39 -5.60
N ARG B 16 -0.17 13.74 -4.62
CA ARG B 16 1.16 13.18 -4.79
C ARG B 16 1.02 11.67 -4.61
N ILE B 17 1.35 10.91 -5.65
CA ILE B 17 1.16 9.46 -5.67
C ILE B 17 2.47 8.80 -6.05
N LYS B 18 2.54 7.50 -5.81
CA LYS B 18 3.72 6.69 -6.10
C LYS B 18 3.30 5.56 -7.02
N VAL B 19 3.99 5.43 -8.15
CA VAL B 19 3.71 4.43 -9.17
C VAL B 19 4.99 3.64 -9.40
N ILE B 20 4.89 2.32 -9.42
CA ILE B 20 6.02 1.48 -9.79
C ILE B 20 5.61 0.64 -10.98
N SER B 21 6.62 0.13 -11.66
CA SER B 21 6.46 -0.78 -12.78
C SER B 21 7.03 -2.13 -12.41
N MET B 22 6.35 -3.19 -12.80
CA MET B 22 6.81 -4.53 -12.50
C MET B 22 6.66 -5.43 -13.72
N GLY B 23 7.58 -6.37 -13.85
CA GLY B 23 7.57 -7.39 -14.87
C GLY B 23 8.97 -7.66 -15.38
N ASN B 24 9.12 -8.81 -16.05
CA ASN B 24 10.41 -9.35 -16.43
C ASN B 24 11.19 -8.40 -17.34
N ALA B 25 12.49 -8.64 -17.44
CA ALA B 25 13.33 -7.80 -18.28
C ALA B 25 12.88 -7.89 -19.73
N GLU B 26 13.01 -6.75 -20.43
CA GLU B 26 12.73 -6.56 -21.85
C GLU B 26 11.24 -6.56 -22.19
N VAL B 27 10.35 -6.62 -21.20
CA VAL B 27 8.95 -6.68 -21.58
C VAL B 27 8.43 -5.32 -22.04
N GLY B 28 9.11 -4.24 -21.71
CA GLY B 28 8.73 -2.93 -22.16
C GLY B 28 8.24 -1.93 -21.11
N LYS B 29 8.58 -2.12 -19.83
CA LYS B 29 8.05 -1.22 -18.80
C LYS B 29 8.57 0.21 -19.01
N SER B 30 9.89 0.34 -19.17
CA SER B 30 10.48 1.65 -19.42
C SER B 30 9.86 2.31 -20.63
N CYS B 31 9.65 1.55 -21.70
CA CYS B 31 9.24 2.18 -22.95
C CYS B 31 7.76 2.52 -22.96
N ILE B 32 6.94 1.81 -22.18
CA ILE B 32 5.58 2.25 -21.95
C ILE B 32 5.56 3.61 -21.28
N ILE B 33 6.41 3.82 -20.27
CA ILE B 33 6.41 5.09 -19.56
C ILE B 33 6.93 6.21 -20.45
N LYS B 34 8.00 5.96 -21.20
CA LYS B 34 8.57 7.02 -22.02
C LYS B 34 7.76 7.26 -23.30
N ARG B 35 6.96 6.29 -23.73
CA ARG B 35 6.01 6.61 -24.80
C ARG B 35 4.97 7.60 -24.29
N TYR B 36 4.52 7.44 -23.06
CA TYR B 36 3.48 8.32 -22.57
C TYR B 36 4.02 9.66 -22.07
N CYS B 37 5.22 9.70 -21.48
CA CYS B 37 5.69 10.92 -20.85
C CYS B 37 6.58 11.76 -21.77
N GLU B 38 7.21 11.13 -22.75
CA GLU B 38 8.03 11.85 -23.72
C GLU B 38 7.47 11.74 -25.13
N LYS B 39 6.34 11.07 -25.31
CA LYS B 39 5.72 10.84 -26.62
C LYS B 39 6.78 10.50 -27.68
N ARG B 40 7.52 9.43 -27.37
CA ARG B 40 8.65 8.96 -28.16
C ARG B 40 8.83 7.48 -27.89
N PHE B 41 9.58 6.81 -28.77
CA PHE B 41 9.87 5.39 -28.60
C PHE B 41 11.19 5.08 -29.28
N VAL B 42 12.07 4.38 -28.57
CA VAL B 42 13.35 4.01 -29.16
C VAL B 42 13.44 2.49 -29.19
N PRO B 43 13.96 1.90 -30.28
CA PRO B 43 14.03 0.44 -30.36
C PRO B 43 15.22 -0.17 -29.64
N LYS B 44 16.29 0.58 -29.40
CA LYS B 44 17.47 -0.04 -28.80
C LYS B 44 17.25 -0.28 -27.32
N TYR B 45 17.54 -1.49 -26.87
CA TYR B 45 17.30 -1.89 -25.50
C TYR B 45 18.37 -1.29 -24.59
N GLN B 46 17.94 -0.48 -23.64
CA GLN B 46 18.82 0.01 -22.57
C GLN B 46 18.25 -0.55 -21.27
N ALA B 47 18.83 -1.65 -20.80
CA ALA B 47 18.33 -2.28 -19.60
C ALA B 47 18.37 -1.29 -18.45
N THR B 48 17.24 -1.15 -17.77
CA THR B 48 17.21 -0.36 -16.56
C THR B 48 18.14 -0.99 -15.55
N ILE B 49 18.93 -0.15 -14.91
CA ILE B 49 19.92 -0.61 -13.95
C ILE B 49 19.32 -0.40 -12.57
N GLY B 50 18.76 -1.48 -12.03
CA GLY B 50 18.12 -1.43 -10.73
C GLY B 50 16.77 -0.75 -10.72
N ILE B 51 16.76 0.58 -10.89
CA ILE B 51 15.58 1.39 -10.61
C ILE B 51 15.77 2.75 -11.27
N ASP B 52 14.71 3.26 -11.88
CA ASP B 52 14.75 4.58 -12.51
C ASP B 52 13.68 5.45 -11.89
N TYR B 53 14.09 6.57 -11.31
CA TYR B 53 13.17 7.46 -10.62
C TYR B 53 12.97 8.73 -11.42
N GLY B 54 11.73 9.17 -11.47
CA GLY B 54 11.39 10.43 -12.11
C GLY B 54 10.05 10.88 -11.60
N VAL B 55 9.78 12.16 -11.79
CA VAL B 55 8.50 12.75 -11.44
C VAL B 55 7.86 13.25 -12.72
N THR B 56 6.59 12.94 -12.89
CA THR B 56 5.80 13.45 -13.98
C THR B 56 4.54 14.07 -13.40
N LYS B 57 3.88 14.88 -14.23
CA LYS B 57 2.68 15.60 -13.87
C LYS B 57 1.55 15.27 -14.83
N VAL B 58 0.36 15.03 -14.28
CA VAL B 58 -0.81 14.78 -15.10
C VAL B 58 -1.99 15.54 -14.50
N HIS B 59 -2.95 15.85 -15.38
CA HIS B 59 -4.23 16.44 -15.00
C HIS B 59 -5.29 15.42 -15.35
N ILE B 60 -5.86 14.79 -14.33
CA ILE B 60 -6.83 13.73 -14.48
C ILE B 60 -8.01 14.06 -13.59
N LYS B 61 -9.23 13.70 -14.05
CA LYS B 61 -10.43 14.31 -13.50
C LYS B 61 -10.29 15.79 -13.83
N ASP B 62 -10.35 16.65 -12.82
CA ASP B 62 -9.60 17.91 -12.83
C ASP B 62 -8.83 18.04 -11.55
N ARG B 63 -8.25 16.92 -11.13
CA ARG B 63 -7.28 16.93 -10.05
C ARG B 63 -5.91 17.01 -10.67
N GLU B 64 -5.05 17.81 -10.05
CA GLU B 64 -3.66 17.95 -10.46
C GLU B 64 -2.85 16.92 -9.70
N ILE B 65 -2.14 16.06 -10.43
CA ILE B 65 -1.45 14.94 -9.80
C ILE B 65 0.03 15.02 -10.12
N LYS B 66 0.85 14.96 -9.07
CA LYS B 66 2.29 14.80 -9.18
C LYS B 66 2.61 13.33 -8.95
N VAL B 67 3.24 12.69 -9.94
CA VAL B 67 3.39 11.23 -9.99
C VAL B 67 4.85 10.90 -9.76
N ASN B 68 5.15 10.21 -8.67
CA ASN B 68 6.49 9.70 -8.42
C ASN B 68 6.60 8.32 -9.06
N ILE B 69 7.44 8.19 -10.08
CA ILE B 69 7.56 6.94 -10.83
C ILE B 69 8.85 6.25 -10.45
N PHE B 70 8.72 5.01 -10.04
CA PHE B 70 9.84 4.11 -9.77
C PHE B 70 9.74 3.02 -10.83
N ASP B 71 10.45 3.21 -11.91
CA ASP B 71 10.53 2.20 -12.95
C ASP B 71 11.53 1.15 -12.48
N MET B 72 11.07 -0.06 -12.13
CA MET B 72 12.00 -1.06 -11.61
C MET B 72 12.62 -1.87 -12.72
N ALA B 73 13.81 -2.41 -12.43
CA ALA B 73 14.46 -3.33 -13.34
C ALA B 73 13.90 -4.75 -13.16
N GLY B 74 13.62 -5.42 -14.28
CA GLY B 74 12.93 -6.68 -14.17
C GLY B 74 13.84 -7.88 -14.01
N HIS B 75 15.10 -7.72 -14.39
CA HIS B 75 16.05 -8.81 -14.27
C HIS B 75 16.22 -9.25 -12.81
N PRO B 76 16.23 -10.55 -12.54
CA PRO B 76 16.30 -11.00 -11.13
C PRO B 76 17.54 -10.51 -10.41
N PHE B 77 18.62 -10.20 -11.15
CA PHE B 77 19.83 -9.68 -10.53
C PHE B 77 19.55 -8.48 -9.65
N PHE B 78 18.54 -7.69 -10.02
CA PHE B 78 18.23 -6.45 -9.31
C PHE B 78 17.16 -6.63 -8.24
N TYR B 79 16.93 -7.86 -7.79
CA TYR B 79 15.99 -8.11 -6.70
C TYR B 79 16.33 -7.25 -5.48
N GLU B 80 17.60 -7.26 -5.04
CA GLU B 80 17.99 -6.58 -3.79
C GLU B 80 17.95 -5.07 -3.92
N VAL B 81 18.20 -4.53 -5.12
CA VAL B 81 18.10 -3.08 -5.30
C VAL B 81 16.63 -2.64 -5.25
N ARG B 82 15.78 -3.33 -5.97
CA ARG B 82 14.40 -2.89 -6.15
C ARG B 82 13.48 -3.20 -4.97
N ASN B 83 13.80 -4.17 -4.11
CA ASN B 83 12.84 -4.54 -3.05
C ASN B 83 12.55 -3.37 -2.13
N GLU B 84 13.47 -2.41 -2.05
CA GLU B 84 13.33 -1.25 -1.19
C GLU B 84 12.16 -0.35 -1.60
N PHE B 85 11.63 -0.51 -2.82
CA PHE B 85 10.71 0.49 -3.35
C PHE B 85 9.26 0.04 -3.44
N TYR B 86 8.88 -1.06 -2.80
CA TYR B 86 7.47 -1.46 -2.89
C TYR B 86 6.60 -0.73 -1.89
N LYS B 87 7.17 -0.31 -0.76
CA LYS B 87 6.31 0.24 0.29
C LYS B 87 5.64 1.51 -0.18
N ASP B 88 4.43 1.74 0.31
CA ASP B 88 3.66 2.95 0.03
C ASP B 88 3.43 3.11 -1.48
N THR B 89 3.03 2.03 -2.12
CA THR B 89 2.75 2.11 -3.55
C THR B 89 1.25 2.23 -3.77
N GLN B 90 0.87 3.13 -4.65
CA GLN B 90 -0.54 3.28 -4.91
C GLN B 90 -0.99 2.73 -6.26
N GLY B 91 -0.10 2.71 -7.23
CA GLY B 91 -0.40 2.12 -8.53
C GLY B 91 0.76 1.28 -9.00
N VAL B 92 0.41 0.22 -9.74
CA VAL B 92 1.39 -0.68 -10.33
C VAL B 92 1.09 -0.85 -11.81
N ILE B 93 2.11 -0.66 -12.64
CA ILE B 93 2.02 -1.02 -14.05
C ILE B 93 2.72 -2.37 -14.16
N LEU B 94 1.94 -3.43 -14.31
CA LEU B 94 2.45 -4.80 -14.36
C LEU B 94 2.44 -5.22 -15.82
N VAL B 95 3.62 -5.53 -16.37
CA VAL B 95 3.78 -5.61 -17.82
C VAL B 95 4.28 -6.99 -18.22
N TYR B 96 3.75 -7.51 -19.33
CA TYR B 96 4.36 -8.66 -19.97
C TYR B 96 4.32 -8.51 -21.49
N ASP B 97 4.96 -9.47 -22.13
CA ASP B 97 5.17 -9.52 -23.55
C ASP B 97 4.24 -10.58 -24.11
N VAL B 98 3.30 -10.18 -24.97
CA VAL B 98 2.38 -11.15 -25.55
C VAL B 98 3.12 -12.19 -26.38
N GLY B 99 4.37 -11.90 -26.77
CA GLY B 99 5.17 -12.78 -27.57
C GLY B 99 5.97 -13.82 -26.82
N HIS B 100 5.97 -13.79 -25.49
CA HIS B 100 6.78 -14.72 -24.71
C HIS B 100 5.99 -15.10 -23.47
N LYS B 101 5.43 -16.32 -23.50
CA LYS B 101 4.46 -16.68 -22.48
C LYS B 101 5.11 -16.77 -21.12
N GLU B 102 6.42 -17.08 -21.05
CA GLU B 102 7.10 -17.15 -19.76
C GLU B 102 7.02 -15.82 -19.01
N THR B 103 6.93 -14.68 -19.71
CA THR B 103 6.82 -13.44 -18.97
C THR B 103 5.43 -13.26 -18.34
N PHE B 104 4.39 -13.81 -18.97
CA PHE B 104 3.06 -13.78 -18.35
C PHE B 104 2.97 -14.78 -17.21
N GLU B 105 3.56 -15.96 -17.38
CA GLU B 105 3.61 -16.94 -16.31
C GLU B 105 4.35 -16.40 -15.09
N SER B 106 5.24 -15.43 -15.30
CA SER B 106 6.05 -14.82 -14.27
C SER B 106 5.29 -13.88 -13.33
N LEU B 107 4.04 -13.54 -13.64
CA LEU B 107 3.39 -12.49 -12.87
C LEU B 107 2.98 -12.95 -11.48
N ASP B 108 2.63 -14.22 -11.29
CA ASP B 108 2.37 -14.67 -9.94
C ASP B 108 3.62 -14.50 -9.08
N GLY B 109 4.79 -14.77 -9.66
CA GLY B 109 6.01 -14.61 -8.89
C GLY B 109 6.26 -13.16 -8.51
N TRP B 110 5.95 -12.25 -9.43
CA TRP B 110 6.09 -10.84 -9.16
C TRP B 110 5.17 -10.39 -8.02
N LEU B 111 3.89 -10.80 -8.07
CA LEU B 111 2.96 -10.48 -6.99
C LEU B 111 3.43 -11.07 -5.67
N ALA B 112 3.94 -12.30 -5.69
CA ALA B 112 4.44 -12.90 -4.47
C ALA B 112 5.57 -12.07 -3.90
N GLU B 113 6.47 -11.59 -4.78
CA GLU B 113 7.63 -10.84 -4.34
C GLU B 113 7.23 -9.49 -3.73
N MET B 114 6.24 -8.81 -4.32
CA MET B 114 5.72 -7.58 -3.73
C MET B 114 5.07 -7.88 -2.37
N LYS B 115 4.26 -8.94 -2.29
CA LYS B 115 3.61 -9.28 -1.02
C LYS B 115 4.63 -9.63 0.05
N GLN B 116 5.76 -10.20 -0.35
CA GLN B 116 6.79 -10.58 0.61
C GLN B 116 7.52 -9.34 1.13
N GLU B 117 7.69 -8.33 0.29
CA GLU B 117 8.43 -7.15 0.71
C GLU B 117 7.59 -6.18 1.53
N LEU B 118 6.28 -6.38 1.56
CA LEU B 118 5.43 -5.53 2.38
C LEU B 118 5.07 -6.17 3.69
N GLY B 119 5.46 -7.43 3.91
CA GLY B 119 5.17 -8.12 5.14
C GLY B 119 3.70 -8.47 5.23
N PRO B 120 3.27 -9.01 6.37
CA PRO B 120 1.85 -9.35 6.52
C PRO B 120 0.99 -8.11 6.62
N GLN B 121 1.60 -7.00 7.04
CA GLN B 121 0.97 -5.69 6.96
C GLN B 121 0.37 -5.42 5.59
N GLY B 122 1.09 -5.76 4.52
CA GLY B 122 0.75 -5.35 3.17
C GLY B 122 -0.57 -5.84 2.60
N ASN B 123 -1.35 -4.93 2.01
CA ASN B 123 -2.65 -5.24 1.40
C ASN B 123 -2.63 -4.74 -0.04
N ILE B 124 -2.39 -5.64 -1.00
CA ILE B 124 -2.27 -5.21 -2.39
C ILE B 124 -3.67 -4.91 -2.94
N ASP B 125 -4.70 -5.12 -2.14
CA ASP B 125 -6.04 -4.82 -2.62
C ASP B 125 -6.36 -3.33 -2.59
N ASN B 126 -5.57 -2.53 -1.87
CA ASN B 126 -5.66 -1.08 -1.91
C ASN B 126 -4.66 -0.47 -2.87
N ILE B 127 -4.17 -1.25 -3.84
CA ILE B 127 -3.26 -0.77 -4.85
C ILE B 127 -3.94 -0.96 -6.20
N VAL B 128 -3.86 0.06 -7.06
CA VAL B 128 -4.37 -0.05 -8.41
C VAL B 128 -3.31 -0.72 -9.26
N PHE B 129 -3.71 -1.76 -10.00
CA PHE B 129 -2.86 -2.44 -10.97
C PHE B 129 -3.42 -2.22 -12.36
N ALA B 130 -2.57 -1.82 -13.29
CA ALA B 130 -2.88 -1.90 -14.71
C ALA B 130 -1.99 -3.00 -15.27
N VAL B 131 -2.59 -4.08 -15.72
CA VAL B 131 -1.84 -5.11 -16.43
C VAL B 131 -1.74 -4.70 -17.90
N CYS B 132 -0.51 -4.59 -18.38
CA CYS B 132 -0.24 -4.23 -19.77
C CYS B 132 0.29 -5.44 -20.55
N ALA B 133 -0.53 -5.90 -21.48
CA ALA B 133 -0.15 -6.95 -22.42
C ALA B 133 0.56 -6.23 -23.57
N ASN B 134 1.88 -6.19 -23.52
CA ASN B 134 2.61 -5.27 -24.36
C ASN B 134 3.14 -5.94 -25.62
N LYS B 135 3.44 -5.09 -26.61
CA LYS B 135 4.05 -5.49 -27.90
C LYS B 135 3.04 -6.19 -28.80
N ILE B 136 1.79 -5.70 -28.77
CA ILE B 136 0.77 -6.20 -29.68
C ILE B 136 1.12 -5.94 -31.15
N ASP B 137 2.02 -4.99 -31.40
CA ASP B 137 2.44 -4.66 -32.76
C ASP B 137 3.28 -5.75 -33.41
N SER B 138 3.83 -6.70 -32.65
CA SER B 138 4.80 -7.60 -33.25
C SER B 138 4.12 -8.63 -34.14
N THR B 139 4.65 -8.79 -35.34
CA THR B 139 4.18 -9.81 -36.27
C THR B 139 4.46 -11.22 -35.75
N LYS B 140 5.55 -11.40 -35.02
CA LYS B 140 5.94 -12.73 -34.55
C LYS B 140 4.83 -13.35 -33.72
N HIS B 141 4.76 -14.68 -33.78
CA HIS B 141 3.74 -15.50 -33.13
C HIS B 141 3.35 -14.96 -31.75
N ARG B 142 2.06 -14.66 -31.58
CA ARG B 142 1.55 -14.20 -30.30
C ARG B 142 1.19 -15.42 -29.46
N SER B 143 1.74 -15.48 -28.24
CA SER B 143 1.63 -16.68 -27.44
C SER B 143 0.67 -16.54 -26.27
N VAL B 144 0.21 -15.34 -25.97
CA VAL B 144 -0.76 -15.12 -24.90
C VAL B 144 -1.92 -14.36 -25.51
N ASP B 145 -3.13 -14.90 -25.38
CA ASP B 145 -4.29 -14.25 -25.97
C ASP B 145 -5.02 -13.41 -24.92
N GLU B 146 -5.80 -12.46 -25.44
CA GLU B 146 -6.47 -11.49 -24.58
C GLU B 146 -7.39 -12.17 -23.57
N SER B 147 -8.05 -13.25 -23.98
CA SER B 147 -8.85 -14.05 -23.06
C SER B 147 -8.07 -14.35 -21.80
N GLU B 148 -6.88 -14.94 -21.96
CA GLU B 148 -6.11 -15.44 -20.82
C GLU B 148 -5.64 -14.31 -19.93
N GLY B 149 -5.10 -13.25 -20.52
CA GLY B 149 -4.58 -12.14 -19.74
C GLY B 149 -5.66 -11.33 -19.07
N ARG B 150 -6.76 -11.07 -19.78
CA ARG B 150 -7.88 -10.35 -19.18
C ARG B 150 -8.48 -11.15 -18.03
N LEU B 151 -8.59 -12.46 -18.19
CA LEU B 151 -9.23 -13.22 -17.13
C LEU B 151 -8.35 -13.29 -15.88
N TRP B 152 -7.04 -13.45 -16.06
CA TRP B 152 -6.11 -13.47 -14.93
C TRP B 152 -6.11 -12.14 -14.19
N SER B 153 -6.18 -11.04 -14.94
CA SER B 153 -6.13 -9.71 -14.35
C SER B 153 -7.42 -9.38 -13.64
N GLU B 154 -8.54 -9.41 -14.37
CA GLU B 154 -9.81 -8.90 -13.82
C GLU B 154 -10.28 -9.75 -12.64
N SER B 155 -9.96 -11.05 -12.64
CA SER B 155 -10.27 -11.87 -11.48
C SER B 155 -9.57 -11.40 -10.21
N LYS B 156 -8.53 -10.58 -10.33
CA LYS B 156 -7.79 -10.12 -9.16
C LYS B 156 -8.14 -8.70 -8.77
N GLY B 157 -9.10 -8.07 -9.46
CA GLY B 157 -9.37 -6.67 -9.26
C GLY B 157 -8.50 -5.73 -10.06
N PHE B 158 -7.75 -6.24 -11.03
CA PHE B 158 -6.85 -5.41 -11.81
C PHE B 158 -7.52 -4.90 -13.08
N LEU B 159 -6.96 -3.82 -13.60
CA LEU B 159 -7.25 -3.33 -14.93
C LEU B 159 -6.38 -4.10 -15.93
N TYR B 160 -6.88 -4.23 -17.16
CA TYR B 160 -6.21 -4.97 -18.22
C TYR B 160 -6.21 -4.13 -19.48
N PHE B 161 -5.05 -4.05 -20.14
CA PHE B 161 -4.94 -3.27 -21.36
C PHE B 161 -3.96 -3.91 -22.33
N GLU B 162 -4.28 -3.87 -23.61
CA GLU B 162 -3.36 -4.25 -24.67
C GLU B 162 -2.60 -3.01 -25.12
N THR B 163 -1.27 -3.12 -25.23
CA THR B 163 -0.44 -1.93 -25.43
C THR B 163 0.68 -2.21 -26.41
N SER B 164 1.22 -1.11 -26.97
CA SER B 164 2.45 -1.14 -27.73
C SER B 164 3.20 0.17 -27.52
N ALA B 165 4.43 0.09 -26.99
CA ALA B 165 5.23 1.30 -26.87
C ALA B 165 5.73 1.77 -28.23
N GLN B 166 5.85 0.86 -29.20
CA GLN B 166 6.32 1.23 -30.54
C GLN B 166 5.21 1.93 -31.34
N SER B 167 3.98 1.42 -31.28
CA SER B 167 2.88 2.04 -32.01
C SER B 167 2.19 3.14 -31.22
N GLY B 168 2.22 3.09 -29.90
CA GLY B 168 1.42 3.97 -29.06
C GLY B 168 0.04 3.45 -28.73
N GLU B 169 -0.41 2.38 -29.41
CA GLU B 169 -1.75 1.85 -29.21
C GLU B 169 -2.00 1.47 -27.76
N GLY B 170 -3.16 1.88 -27.23
CA GLY B 170 -3.60 1.54 -25.89
C GLY B 170 -2.94 2.29 -24.74
N ILE B 171 -1.82 2.98 -24.98
CA ILE B 171 -1.02 3.55 -23.90
C ILE B 171 -1.73 4.73 -23.25
N ASN B 172 -2.22 5.68 -24.06
CA ASN B 172 -2.92 6.82 -23.47
C ASN B 172 -4.18 6.38 -22.75
N GLU B 173 -4.90 5.41 -23.33
CA GLU B 173 -6.14 4.96 -22.70
C GLU B 173 -5.83 4.22 -21.40
N MET B 174 -4.75 3.42 -21.39
CA MET B 174 -4.32 2.73 -20.19
C MET B 174 -3.99 3.71 -19.07
N PHE B 175 -3.14 4.70 -19.37
CA PHE B 175 -2.77 5.66 -18.34
C PHE B 175 -3.96 6.49 -17.88
N GLN B 176 -4.95 6.72 -18.75
CA GLN B 176 -6.11 7.47 -18.32
C GLN B 176 -6.97 6.65 -17.36
N ALA B 177 -7.14 5.36 -17.65
CA ALA B 177 -7.90 4.52 -16.73
C ALA B 177 -7.13 4.31 -15.43
N PHE B 178 -5.81 4.13 -15.55
CA PHE B 178 -4.94 3.90 -14.41
C PHE B 178 -5.01 5.06 -13.43
N TYR B 179 -4.81 6.28 -13.95
CA TYR B 179 -4.75 7.44 -13.08
C TYR B 179 -6.10 7.79 -12.51
N SER B 180 -7.19 7.52 -13.23
CA SER B 180 -8.51 7.79 -12.67
C SER B 180 -8.83 6.84 -11.53
N ALA B 181 -8.50 5.57 -11.69
CA ALA B 181 -8.70 4.63 -10.62
C ALA B 181 -7.93 5.02 -9.37
N ILE B 182 -6.75 5.64 -9.55
CA ILE B 182 -5.94 6.03 -8.40
C ILE B 182 -6.59 7.21 -7.70
N VAL B 183 -7.11 8.15 -8.46
CA VAL B 183 -7.88 9.26 -7.90
C VAL B 183 -9.06 8.74 -7.10
N ASP B 184 -9.80 7.77 -7.65
CA ASP B 184 -10.93 7.18 -6.94
C ASP B 184 -10.46 6.54 -5.64
N LEU B 185 -9.29 5.89 -5.65
CA LEU B 185 -8.74 5.31 -4.42
C LEU B 185 -8.28 6.39 -3.44
N CYS B 186 -7.72 7.49 -3.93
CA CYS B 186 -7.30 8.55 -3.02
C CYS B 186 -8.50 9.29 -2.44
N ASP B 187 -9.56 9.46 -3.24
CA ASP B 187 -10.77 10.08 -2.73
C ASP B 187 -11.44 9.25 -1.64
N ASN B 188 -11.09 7.97 -1.51
CA ASN B 188 -11.62 7.13 -0.44
C ASN B 188 -10.59 6.88 0.65
N GLY B 189 -9.69 7.84 0.89
CA GLY B 189 -8.73 7.66 1.96
C GLY B 189 -7.69 6.60 1.72
N GLY B 190 -7.48 6.20 0.47
CA GLY B 190 -6.55 5.14 0.17
C GLY B 190 -7.06 3.74 0.43
N LYS B 191 -8.37 3.56 0.58
CA LYS B 191 -8.96 2.24 0.66
C LYS B 191 -9.78 1.96 -0.58
N ARG B 192 -9.72 0.72 -1.05
CA ARG B 192 -10.32 0.35 -2.33
C ARG B 192 -11.82 0.57 -2.32
N PRO B 193 -12.40 1.26 -3.30
CA PRO B 193 -13.85 1.47 -3.33
C PRO B 193 -14.60 0.14 -3.49
N VAL B 194 -15.63 -0.03 -2.67
CA VAL B 194 -16.49 -1.23 -2.73
C VAL B 194 -17.63 -1.00 -3.71
N SER B 195 -17.81 -1.95 -4.62
CA SER B 195 -18.82 -1.86 -5.68
C SER B 195 -20.10 -2.63 -5.34
N ALA B 196 -21.26 -2.00 -5.57
CA ALA B 196 -22.50 -2.75 -5.60
C ALA B 196 -22.60 -3.66 -6.82
N ILE B 197 -21.91 -3.28 -7.92
CA ILE B 197 -21.86 -4.12 -9.11
C ILE B 197 -21.10 -5.40 -8.78
N ASN B 198 -21.19 -6.38 -9.68
CA ASN B 198 -20.19 -7.43 -9.71
C ASN B 198 -20.05 -8.00 -11.11
N ILE B 199 -18.85 -8.50 -11.39
CA ILE B 199 -18.59 -9.28 -12.56
C ILE B 199 -19.41 -10.55 -12.48
N GLY B 200 -19.53 -11.24 -13.60
CA GLY B 200 -20.14 -12.54 -13.55
C GLY B 200 -19.32 -13.67 -12.92
N PHE B 201 -18.22 -13.40 -12.20
CA PHE B 201 -17.43 -14.58 -11.86
C PHE B 201 -16.54 -14.42 -10.62
N THR B 202 -16.46 -15.52 -9.88
CA THR B 202 -15.50 -15.80 -8.81
C THR B 202 -14.07 -15.65 -9.33
N LYS B 203 -13.15 -15.37 -8.41
CA LYS B 203 -11.74 -15.55 -8.72
C LYS B 203 -11.41 -17.03 -8.92
N GLU B 204 -11.95 -17.90 -8.06
CA GLU B 204 -11.72 -19.33 -8.21
C GLU B 204 -12.31 -19.87 -9.51
N GLN B 205 -13.40 -19.28 -9.97
CA GLN B 205 -13.90 -19.63 -11.29
C GLN B 205 -12.85 -19.35 -12.35
N ALA B 206 -12.27 -18.16 -12.32
CA ALA B 206 -11.26 -17.80 -13.32
C ALA B 206 -9.98 -18.61 -13.15
N ASP B 207 -9.61 -18.91 -11.91
CA ASP B 207 -8.38 -19.66 -11.69
C ASP B 207 -8.45 -21.05 -12.30
N SER B 208 -9.59 -21.74 -12.13
CA SER B 208 -9.68 -23.09 -12.68
C SER B 208 -9.86 -23.06 -14.19
N ILE B 209 -10.44 -22.00 -14.73
CA ILE B 209 -10.54 -21.90 -16.18
C ILE B 209 -9.15 -21.91 -16.80
N ARG B 210 -8.23 -21.14 -16.23
CA ARG B 210 -6.91 -21.10 -16.82
C ARG B 210 -6.11 -22.36 -16.53
N ARG B 211 -6.28 -22.96 -15.34
CA ARG B 211 -5.58 -24.20 -15.09
C ARG B 211 -6.08 -25.29 -16.03
N ILE B 212 -7.35 -25.23 -16.40
CA ILE B 212 -7.93 -26.19 -17.32
C ILE B 212 -7.51 -25.91 -18.75
N ARG B 213 -7.22 -24.64 -19.06
CA ARG B 213 -6.80 -24.32 -20.43
C ARG B 213 -5.40 -24.83 -20.69
N ASN B 214 -4.60 -24.95 -19.63
CA ASN B 214 -3.25 -25.48 -19.67
C ASN B 214 -3.21 -26.86 -19.05
N CYS B 215 -4.19 -27.68 -19.43
CA CYS B 215 -4.27 -29.08 -19.04
C CYS B 215 -4.66 -29.91 -20.25
N LYS B 216 -3.89 -30.97 -20.50
CA LYS B 216 -4.11 -31.90 -21.60
C LYS B 216 -4.27 -33.33 -21.07
N ASP B 217 -4.60 -33.47 -19.77
CA ASP B 217 -4.66 -34.73 -19.06
C ASP B 217 -5.97 -34.78 -18.28
N SER B 218 -6.68 -35.90 -18.39
CA SER B 218 -8.03 -35.92 -17.88
C SER B 218 -8.13 -36.31 -16.40
N TRP B 219 -7.09 -36.90 -15.82
CA TRP B 219 -7.09 -37.05 -14.36
C TRP B 219 -6.93 -35.70 -13.68
N ASP B 220 -5.93 -34.93 -14.11
CA ASP B 220 -5.65 -33.67 -13.43
C ASP B 220 -6.75 -32.66 -13.69
N MET B 221 -7.47 -32.80 -14.81
CA MET B 221 -8.52 -31.84 -15.13
C MET B 221 -9.66 -31.89 -14.14
N LEU B 222 -9.99 -33.09 -13.65
CA LEU B 222 -11.05 -33.17 -12.68
C LEU B 222 -10.54 -33.18 -11.24
N GLY B 223 -9.22 -33.26 -11.04
CA GLY B 223 -8.66 -33.31 -9.70
C GLY B 223 -8.84 -34.67 -9.07
N VAL B 224 -8.33 -35.70 -9.75
CA VAL B 224 -8.62 -37.09 -9.39
C VAL B 224 -7.41 -37.94 -9.74
N LYS B 225 -7.18 -38.99 -8.95
CA LYS B 225 -6.02 -39.83 -9.14
C LYS B 225 -6.41 -41.19 -9.71
N PRO B 226 -5.45 -41.90 -10.33
CA PRO B 226 -5.76 -43.13 -11.08
C PRO B 226 -6.58 -44.22 -10.41
N GLY B 227 -6.65 -44.27 -9.09
CA GLY B 227 -7.39 -45.35 -8.49
C GLY B 227 -8.85 -44.99 -8.25
N ALA B 228 -9.44 -44.21 -9.17
CA ALA B 228 -10.74 -43.60 -8.92
C ALA B 228 -11.92 -44.44 -9.38
N THR B 229 -12.91 -44.59 -8.49
CA THR B 229 -14.24 -45.09 -8.82
C THR B 229 -14.86 -44.36 -9.98
N ARG B 230 -15.73 -45.08 -10.70
CA ARG B 230 -16.73 -44.42 -11.52
C ARG B 230 -17.46 -43.33 -10.73
N ASP B 231 -17.73 -43.57 -9.45
CA ASP B 231 -18.47 -42.58 -8.66
C ASP B 231 -17.63 -41.37 -8.24
N GLU B 232 -16.31 -41.54 -8.08
CA GLU B 232 -15.49 -40.41 -7.71
C GLU B 232 -15.32 -39.45 -8.88
N VAL B 233 -15.20 -40.00 -10.10
CA VAL B 233 -15.06 -39.10 -11.23
C VAL B 233 -16.36 -38.37 -11.46
N ASN B 234 -17.50 -39.03 -11.22
CA ASN B 234 -18.78 -38.33 -11.26
C ASN B 234 -18.80 -37.19 -10.28
N LYS B 235 -18.38 -37.43 -9.05
CA LYS B 235 -18.55 -36.32 -8.14
C LYS B 235 -17.46 -35.28 -8.32
N ALA B 236 -16.28 -35.69 -8.78
CA ALA B 236 -15.31 -34.69 -9.21
C ALA B 236 -15.88 -33.88 -10.36
N TYR B 237 -16.54 -34.55 -11.31
CA TYR B 237 -17.10 -33.86 -12.47
C TYR B 237 -18.16 -32.86 -12.02
N ARG B 238 -19.06 -33.26 -11.10
CA ARG B 238 -20.20 -32.39 -10.80
C ARG B 238 -19.79 -31.11 -10.09
N LYS B 239 -18.66 -31.10 -9.39
CA LYS B 239 -18.34 -29.86 -8.72
C LYS B 239 -17.74 -28.86 -9.69
N LEU B 240 -17.06 -29.36 -10.73
CA LEU B 240 -16.59 -28.45 -11.77
C LEU B 240 -17.74 -27.98 -12.65
N ALA B 241 -18.68 -28.90 -12.94
CA ALA B 241 -19.84 -28.51 -13.75
C ALA B 241 -20.61 -27.39 -13.07
N VAL B 242 -20.84 -27.52 -11.76
CA VAL B 242 -21.53 -26.46 -11.04
C VAL B 242 -20.70 -25.17 -11.05
N LEU B 243 -19.38 -25.29 -11.09
CA LEU B 243 -18.55 -24.11 -11.06
C LEU B 243 -18.49 -23.41 -12.42
N LEU B 244 -18.47 -24.16 -13.52
CA LEU B 244 -18.09 -23.62 -14.81
C LEU B 244 -19.19 -23.57 -15.86
N HIS B 245 -20.38 -24.06 -15.58
CA HIS B 245 -21.40 -24.09 -16.62
C HIS B 245 -21.66 -22.67 -17.11
N PRO B 246 -21.64 -22.42 -18.42
CA PRO B 246 -21.72 -21.04 -18.93
C PRO B 246 -22.99 -20.29 -18.55
N ASP B 247 -24.03 -20.97 -18.08
CA ASP B 247 -25.20 -20.27 -17.55
C ASP B 247 -24.84 -19.54 -16.27
N LYS B 248 -24.13 -20.22 -15.37
CA LYS B 248 -23.77 -19.68 -14.07
C LYS B 248 -22.52 -18.82 -14.07
N CYS B 249 -21.58 -19.08 -14.98
CA CYS B 249 -20.30 -18.40 -14.96
C CYS B 249 -20.13 -17.60 -16.23
N MET B 250 -19.99 -16.27 -16.10
CA MET B 250 -19.94 -15.37 -17.24
C MET B 250 -18.52 -15.12 -17.71
N ALA B 251 -17.54 -15.81 -17.11
CA ALA B 251 -16.16 -15.58 -17.44
C ALA B 251 -15.88 -16.04 -18.88
N PRO B 252 -15.07 -15.30 -19.64
CA PRO B 252 -14.80 -15.73 -21.02
C PRO B 252 -14.00 -17.03 -21.03
N GLY B 253 -14.42 -17.95 -21.89
CA GLY B 253 -13.81 -19.26 -21.97
C GLY B 253 -14.34 -20.31 -21.01
N SER B 254 -15.29 -19.96 -20.14
CA SER B 254 -15.82 -20.99 -19.25
C SER B 254 -16.55 -22.06 -20.07
N GLU B 255 -17.12 -21.67 -21.22
CA GLU B 255 -17.74 -22.65 -22.11
C GLU B 255 -16.74 -23.71 -22.54
N ASP B 256 -15.52 -23.29 -22.89
CA ASP B 256 -14.52 -24.25 -23.34
C ASP B 256 -13.98 -25.07 -22.17
N ALA B 257 -13.83 -24.44 -21.01
CA ALA B 257 -13.39 -25.18 -19.83
C ALA B 257 -14.41 -26.23 -19.43
N PHE B 258 -15.71 -25.87 -19.46
CA PHE B 258 -16.75 -26.86 -19.18
C PHE B 258 -16.72 -28.00 -20.20
N LYS B 259 -16.63 -27.66 -21.48
CA LYS B 259 -16.49 -28.65 -22.53
C LYS B 259 -15.29 -29.55 -22.27
N ALA B 260 -14.21 -28.98 -21.72
CA ALA B 260 -13.02 -29.76 -21.45
C ALA B 260 -13.27 -30.74 -20.30
N VAL B 261 -13.98 -30.27 -19.28
CA VAL B 261 -14.32 -31.11 -18.14
C VAL B 261 -15.23 -32.26 -18.55
N VAL B 262 -16.28 -31.97 -19.33
CA VAL B 262 -17.15 -33.03 -19.83
C VAL B 262 -16.31 -34.10 -20.52
N ASN B 263 -15.34 -33.68 -21.35
CA ASN B 263 -14.59 -34.62 -22.15
C ASN B 263 -13.65 -35.47 -21.28
N ALA B 264 -13.11 -34.88 -20.19
CA ALA B 264 -12.29 -35.64 -19.26
C ALA B 264 -13.09 -36.77 -18.62
N ARG B 265 -14.25 -36.43 -18.05
CA ARG B 265 -15.12 -37.44 -17.47
C ARG B 265 -15.41 -38.57 -18.43
N THR B 266 -15.71 -38.27 -19.69
CA THR B 266 -16.05 -39.41 -20.52
C THR B 266 -14.80 -40.18 -20.90
N ALA B 267 -13.64 -39.53 -20.94
CA ALA B 267 -12.40 -40.26 -21.18
C ALA B 267 -12.09 -41.23 -20.04
N LEU B 268 -12.20 -40.75 -18.80
CA LEU B 268 -11.97 -41.61 -17.64
C LEU B 268 -13.04 -42.71 -17.52
N LEU B 269 -14.33 -42.32 -17.59
CA LEU B 269 -15.39 -43.34 -17.56
C LEU B 269 -15.23 -44.35 -18.69
N LYS B 270 -14.64 -43.93 -19.81
CA LYS B 270 -14.39 -44.85 -20.90
C LYS B 270 -13.28 -45.83 -20.52
N ASN B 271 -12.28 -45.35 -19.78
CA ASN B 271 -11.17 -46.23 -19.43
C ASN B 271 -11.55 -47.19 -18.32
N ILE B 272 -12.34 -46.73 -17.35
CA ILE B 272 -12.86 -47.62 -16.31
C ILE B 272 -13.57 -48.80 -16.93
N LYS B 273 -14.48 -48.52 -17.87
CA LYS B 273 -15.33 -49.56 -18.43
C LYS B 273 -14.55 -50.55 -19.28
N LEU B 274 -13.42 -50.12 -19.84
CA LEU B 274 -12.60 -50.97 -20.69
C LEU B 274 -11.65 -51.87 -19.91
N GLU B 275 -11.38 -51.59 -18.63
CA GLU B 275 -10.51 -52.46 -17.85
C GLU B 275 -11.16 -53.80 -17.53
N HIS B 276 -12.48 -53.90 -17.54
CA HIS B 276 -13.17 -55.18 -17.38
C HIS B 276 -13.07 -56.00 -18.66
#